data_2BCU
#
_entry.id   2BCU
#
_cell.length_a   55.998
_cell.length_b   62.667
_cell.length_c   140.494
_cell.angle_alpha   90.00
_cell.angle_beta   90.00
_cell.angle_gamma   90.00
#
_symmetry.space_group_name_H-M   'P 21 21 21'
#
loop_
_entity.id
_entity.type
_entity.pdbx_description
1 polymer "5'-D(P*GP*CP*CP*G)-3'"
2 polymer "5'-D(*CP*AP*GP*TP*TP*CP*G)-3'"
3 polymer "5'-D(*CP*GP*GP*CP*CP*GP*AP*TP*AP*CP*TP*G)-3'"
4 polymer 'DNA polymerase lambda'
5 non-polymer 'SODIUM ION'
6 non-polymer PYROPHOSPHATE
7 water water
#
loop_
_entity_poly.entity_id
_entity_poly.type
_entity_poly.pdbx_seq_one_letter_code
_entity_poly.pdbx_strand_id
1 'polydeoxyribonucleotide' (DG)(DC)(DC)(DG) D
2 'polydeoxyribonucleotide' (DC)(DA)(DG)(DT)(DT)(DC)(DG) P
3 'polydeoxyribonucleotide' (DC)(DG)(DG)(DC)(DC)(DG)(DA)(DT)(DA)(DC)(DT)(DG) T
4 'polypeptide(L)'
;MAQPSSQKATNHNLHITEKLEVLAKAYSVQGDKWRALGYAKAINALKSFHKPVTSYQEACSIPGIGKRMAEKIIEILESG
HLRKLDHISESVPVLELFSNIWGAGTKTAQMWYQQGFRSLEDIRSQASLTTQQAIGLKHYSDFLERMPREEATEIEQTVQ
KAAQAFNSGLLCVACGSYRRGKATCGDVDVLITHPDGRSHRGIFSRLLDSLRQEGFLTDDLVSQEENGQQQKYLGVCRLP
GPGRRHRRLDIIVVPYSEFACALLYFTGSAHFNRSMRALAKTKGMSLSEHALSTAVVRNTHGCKVGPGRVLPTPTEKDVF
RLLGLPYREPAERDW
;
A
#
loop_
_chem_comp.id
_chem_comp.type
_chem_comp.name
_chem_comp.formula
DA DNA linking 2'-DEOXYADENOSINE-5'-MONOPHOSPHATE 'C10 H14 N5 O6 P'
DC DNA linking 2'-DEOXYCYTIDINE-5'-MONOPHOSPHATE 'C9 H14 N3 O7 P'
DG DNA linking 2'-DEOXYGUANOSINE-5'-MONOPHOSPHATE 'C10 H14 N5 O7 P'
DT DNA linking THYMIDINE-5'-MONOPHOSPHATE 'C10 H15 N2 O8 P'
NA non-polymer 'SODIUM ION' 'Na 1'
PPV non-polymer PYROPHOSPHATE 'H4 O7 P2'
#
# COMPACT_ATOMS: atom_id res chain seq x y z
N THR D 10 -13.82 -15.41 9.51
CA THR D 10 -14.72 -15.10 8.36
C THR D 10 -14.49 -15.93 7.07
N ASN D 11 -13.26 -16.38 6.87
CA ASN D 11 -12.82 -17.16 5.67
C ASN D 11 -13.53 -18.50 5.44
N HIS D 12 -14.62 -18.50 4.66
CA HIS D 12 -15.35 -19.74 4.45
C HIS D 12 -14.95 -20.46 3.17
N ASN D 13 -13.76 -20.18 2.66
CA ASN D 13 -13.27 -20.83 1.44
C ASN D 13 -11.76 -20.97 1.32
N LEU D 14 -11.09 -20.84 2.46
CA LEU D 14 -9.66 -20.94 2.52
C LEU D 14 -9.12 -22.15 1.76
N HIS D 15 -9.96 -23.12 1.44
CA HIS D 15 -9.48 -24.29 0.70
C HIS D 15 -9.13 -23.87 -0.73
N ILE D 16 -9.90 -22.92 -1.27
CA ILE D 16 -9.69 -22.43 -2.63
C ILE D 16 -8.92 -21.10 -2.68
N THR D 17 -9.28 -20.15 -1.83
CA THR D 17 -8.59 -18.86 -1.78
C THR D 17 -7.27 -19.09 -1.07
N GLU D 18 -6.54 -20.11 -1.52
CA GLU D 18 -5.26 -20.48 -0.95
C GLU D 18 -4.44 -20.98 -2.12
N LYS D 19 -5.10 -21.70 -3.02
CA LYS D 19 -4.45 -22.22 -4.20
C LYS D 19 -4.43 -21.11 -5.26
N LEU D 20 -5.43 -20.23 -5.19
CA LEU D 20 -5.53 -19.12 -6.11
C LEU D 20 -4.52 -18.03 -5.79
N GLU D 21 -4.31 -17.78 -4.50
CA GLU D 21 -3.35 -16.77 -4.07
C GLU D 21 -1.97 -17.11 -4.60
N VAL D 22 -1.62 -18.40 -4.55
CA VAL D 22 -0.33 -18.85 -5.05
C VAL D 22 -0.22 -18.52 -6.54
N LEU D 23 -1.31 -18.75 -7.26
CA LEU D 23 -1.33 -18.47 -8.68
C LEU D 23 -1.29 -16.95 -8.91
N ALA D 24 -2.00 -16.20 -8.07
CA ALA D 24 -2.03 -14.76 -8.19
C ALA D 24 -0.65 -14.12 -8.00
N LYS D 25 0.06 -14.52 -6.95
CA LYS D 25 1.39 -13.98 -6.69
C LYS D 25 2.35 -14.38 -7.81
N ALA D 26 2.11 -15.54 -8.41
CA ALA D 26 2.98 -16.00 -9.50
C ALA D 26 2.86 -15.02 -10.66
N TYR D 27 1.63 -14.74 -11.07
CA TYR D 27 1.38 -13.80 -12.16
C TYR D 27 1.92 -12.42 -11.81
N SER D 28 1.77 -12.02 -10.55
CA SER D 28 2.24 -10.72 -10.12
C SER D 28 3.75 -10.56 -10.28
N VAL D 29 4.52 -11.49 -9.73
CA VAL D 29 5.98 -11.40 -9.83
C VAL D 29 6.51 -11.52 -11.26
N GLN D 30 5.77 -12.20 -12.14
CA GLN D 30 6.21 -12.31 -13.52
C GLN D 30 5.81 -11.08 -14.30
N GLY D 31 5.09 -10.15 -13.66
CA GLY D 31 4.71 -8.93 -14.34
C GLY D 31 3.36 -8.91 -15.07
N ASP D 32 2.56 -9.95 -14.92
CA ASP D 32 1.24 -9.97 -15.56
C ASP D 32 0.31 -9.31 -14.54
N LYS D 33 0.52 -8.01 -14.33
CA LYS D 33 -0.25 -7.25 -13.34
C LYS D 33 -1.76 -7.25 -13.44
N TRP D 34 -2.30 -7.18 -14.65
CA TRP D 34 -3.75 -7.16 -14.80
C TRP D 34 -4.37 -8.52 -14.48
N ARG D 35 -3.71 -9.59 -14.88
CA ARG D 35 -4.23 -10.92 -14.60
C ARG D 35 -4.17 -11.14 -13.08
N ALA D 36 -3.12 -10.64 -12.46
CA ALA D 36 -2.96 -10.77 -11.01
C ALA D 36 -4.03 -9.95 -10.30
N LEU D 37 -4.36 -8.79 -10.85
CA LEU D 37 -5.38 -7.95 -10.26
C LEU D 37 -6.69 -8.73 -10.37
N GLY D 38 -6.88 -9.40 -11.50
CA GLY D 38 -8.08 -10.19 -11.70
C GLY D 38 -8.22 -11.22 -10.60
N TYR D 39 -7.16 -11.98 -10.36
CA TYR D 39 -7.18 -13.00 -9.32
C TYR D 39 -7.36 -12.39 -7.94
N ALA D 40 -6.73 -11.25 -7.69
CA ALA D 40 -6.83 -10.59 -6.40
C ALA D 40 -8.28 -10.29 -6.06
N LYS D 41 -9.05 -9.84 -7.05
CA LYS D 41 -10.45 -9.51 -6.83
C LYS D 41 -11.30 -10.75 -6.61
N ALA D 42 -11.00 -11.81 -7.36
CA ALA D 42 -11.74 -13.05 -7.24
C ALA D 42 -11.53 -13.60 -5.82
N ILE D 43 -10.31 -13.42 -5.31
CA ILE D 43 -9.95 -13.87 -3.98
C ILE D 43 -10.47 -12.90 -2.93
N ASN D 44 -10.29 -11.60 -3.20
CA ASN D 44 -10.74 -10.54 -2.31
C ASN D 44 -12.24 -10.66 -2.07
N ALA D 45 -12.93 -11.39 -2.95
CA ALA D 45 -14.36 -11.58 -2.85
C ALA D 45 -14.70 -12.89 -2.15
N LEU D 46 -14.18 -13.99 -2.69
CA LEU D 46 -14.40 -15.30 -2.13
C LEU D 46 -14.28 -15.29 -0.62
N LYS D 47 -13.28 -14.59 -0.11
CA LYS D 47 -13.08 -14.51 1.33
C LYS D 47 -14.28 -13.82 1.99
N SER D 48 -14.65 -12.66 1.43
CA SER D 48 -15.78 -11.87 1.94
C SER D 48 -17.13 -12.57 1.87
N PHE D 49 -17.12 -13.78 1.33
CA PHE D 49 -18.36 -14.53 1.20
C PHE D 49 -18.80 -14.96 2.60
N HIS D 50 -19.68 -15.95 2.65
CA HIS D 50 -20.15 -16.48 3.93
C HIS D 50 -20.18 -18.00 3.86
N LYS D 51 -20.76 -18.50 2.77
CA LYS D 51 -20.87 -19.94 2.56
C LYS D 51 -19.87 -20.47 1.55
N PRO D 52 -19.42 -21.70 1.78
CA PRO D 52 -18.48 -22.33 0.86
C PRO D 52 -19.12 -22.55 -0.49
N VAL D 53 -18.58 -21.94 -1.54
CA VAL D 53 -19.11 -22.10 -2.88
C VAL D 53 -19.19 -23.60 -3.16
N THR D 54 -20.26 -24.04 -3.80
CA THR D 54 -20.43 -25.45 -4.08
C THR D 54 -20.87 -25.76 -5.50
N SER D 55 -21.27 -24.73 -6.25
CA SER D 55 -21.71 -24.94 -7.63
C SER D 55 -21.13 -23.93 -8.61
N TYR D 56 -20.82 -24.42 -9.81
CA TYR D 56 -20.27 -23.59 -10.88
C TYR D 56 -21.13 -22.34 -11.03
N GLN D 57 -22.44 -22.52 -10.88
CA GLN D 57 -23.39 -21.41 -10.99
C GLN D 57 -23.33 -20.54 -9.76
N GLU D 58 -23.06 -21.16 -8.60
CA GLU D 58 -22.97 -20.42 -7.35
C GLU D 58 -21.75 -19.51 -7.38
N ALA D 59 -20.81 -19.83 -8.25
CA ALA D 59 -19.59 -19.05 -8.40
C ALA D 59 -19.82 -17.84 -9.29
N CYS D 60 -20.19 -18.10 -10.54
CA CYS D 60 -20.44 -17.02 -11.49
C CYS D 60 -21.28 -15.91 -10.87
N SER D 61 -22.31 -16.31 -10.14
CA SER D 61 -23.20 -15.36 -9.49
C SER D 61 -22.46 -14.32 -8.67
N ILE D 62 -21.26 -14.69 -8.21
CA ILE D 62 -20.45 -13.80 -7.40
C ILE D 62 -19.70 -12.75 -8.22
N PRO D 63 -19.81 -11.47 -7.81
CA PRO D 63 -19.12 -10.39 -8.52
C PRO D 63 -17.61 -10.60 -8.38
N GLY D 64 -16.88 -10.39 -9.45
CA GLY D 64 -15.44 -10.57 -9.38
C GLY D 64 -15.03 -11.97 -9.79
N ILE D 65 -16.03 -12.80 -10.14
CA ILE D 65 -15.78 -14.16 -10.57
C ILE D 65 -16.46 -14.40 -11.91
N GLY D 66 -15.72 -14.93 -12.86
CA GLY D 66 -16.27 -15.19 -14.17
C GLY D 66 -16.23 -16.68 -14.47
N LYS D 67 -16.63 -17.05 -15.68
CA LYS D 67 -16.64 -18.45 -16.09
C LYS D 67 -15.27 -19.12 -15.89
N ARG D 68 -14.23 -18.40 -16.29
CA ARG D 68 -12.86 -18.91 -16.18
C ARG D 68 -12.44 -19.16 -14.75
N MET D 69 -12.73 -18.20 -13.88
CA MET D 69 -12.38 -18.35 -12.47
C MET D 69 -13.23 -19.45 -11.87
N ALA D 70 -14.53 -19.43 -12.19
CA ALA D 70 -15.45 -20.43 -11.68
C ALA D 70 -14.92 -21.82 -11.97
N GLU D 71 -14.55 -22.06 -13.23
CA GLU D 71 -14.02 -23.35 -13.65
C GLU D 71 -12.87 -23.80 -12.75
N LYS D 72 -11.89 -22.93 -12.55
CA LYS D 72 -10.75 -23.26 -11.71
C LYS D 72 -11.20 -23.53 -10.27
N ILE D 73 -12.20 -22.78 -9.81
CA ILE D 73 -12.73 -22.97 -8.47
C ILE D 73 -13.32 -24.36 -8.35
N ILE D 74 -13.97 -24.79 -9.43
CA ILE D 74 -14.60 -26.11 -9.47
C ILE D 74 -13.56 -27.22 -9.33
N GLU D 75 -12.57 -27.22 -10.22
CA GLU D 75 -11.52 -28.23 -10.20
C GLU D 75 -10.95 -28.45 -8.80
N ILE D 76 -10.97 -27.41 -7.97
CA ILE D 76 -10.45 -27.52 -6.63
C ILE D 76 -11.45 -28.20 -5.69
N LEU D 77 -12.72 -27.83 -5.80
CA LEU D 77 -13.76 -28.42 -4.96
C LEU D 77 -14.10 -29.82 -5.49
N GLU D 78 -13.27 -30.32 -6.39
CA GLU D 78 -13.45 -31.65 -6.98
C GLU D 78 -12.13 -32.41 -7.01
N SER D 79 -11.10 -31.79 -7.55
CA SER D 79 -9.79 -32.42 -7.65
C SER D 79 -8.91 -32.06 -6.46
N GLY D 80 -9.39 -31.12 -5.64
CA GLY D 80 -8.61 -30.72 -4.48
C GLY D 80 -7.26 -30.19 -4.90
N HIS D 81 -7.07 -30.06 -6.21
CA HIS D 81 -5.83 -29.56 -6.79
C HIS D 81 -6.14 -28.77 -8.06
N LEU D 82 -5.20 -27.94 -8.48
CA LEU D 82 -5.35 -27.14 -9.68
C LEU D 82 -4.17 -27.44 -10.59
N ARG D 83 -4.43 -28.20 -11.66
CA ARG D 83 -3.40 -28.58 -12.62
C ARG D 83 -2.47 -27.43 -12.98
N LYS D 84 -3.01 -26.21 -12.98
CA LYS D 84 -2.23 -25.03 -13.31
C LYS D 84 -1.05 -24.81 -12.35
N LEU D 85 -1.31 -25.02 -11.06
CA LEU D 85 -0.27 -24.85 -10.04
C LEU D 85 0.93 -25.76 -10.21
N ASP D 86 0.76 -26.83 -10.99
CA ASP D 86 1.86 -27.78 -11.20
C ASP D 86 2.61 -27.49 -12.49
N HIS D 87 2.35 -26.34 -13.08
CA HIS D 87 3.03 -25.94 -14.31
C HIS D 87 3.59 -24.54 -14.16
N ILE D 88 3.64 -24.06 -12.93
CA ILE D 88 4.16 -22.73 -12.63
C ILE D 88 5.68 -22.77 -12.81
N SER D 89 6.22 -21.79 -13.52
CA SER D 89 7.66 -21.75 -13.74
C SER D 89 8.43 -21.85 -12.42
N GLU D 90 9.56 -22.55 -12.47
CA GLU D 90 10.42 -22.73 -11.32
C GLU D 90 11.08 -21.40 -10.93
N SER D 91 11.02 -20.43 -11.84
CA SER D 91 11.62 -19.12 -11.58
C SER D 91 10.83 -18.28 -10.59
N VAL D 92 9.54 -18.55 -10.46
CA VAL D 92 8.64 -17.79 -9.59
C VAL D 92 9.13 -17.58 -8.15
N PRO D 93 9.54 -18.66 -7.46
CA PRO D 93 10.02 -18.49 -6.09
C PRO D 93 11.20 -17.52 -6.04
N VAL D 94 12.07 -17.59 -7.04
CA VAL D 94 13.23 -16.71 -7.08
C VAL D 94 12.81 -15.29 -7.37
N LEU D 95 11.90 -15.12 -8.33
CA LEU D 95 11.41 -13.80 -8.68
C LEU D 95 10.77 -13.17 -7.44
N GLU D 96 10.04 -13.98 -6.68
CA GLU D 96 9.38 -13.51 -5.46
C GLU D 96 10.43 -13.08 -4.44
N LEU D 97 11.45 -13.92 -4.24
CA LEU D 97 12.54 -13.64 -3.32
C LEU D 97 13.19 -12.29 -3.67
N PHE D 98 13.47 -12.09 -4.96
CA PHE D 98 14.11 -10.86 -5.41
C PHE D 98 13.18 -9.65 -5.30
N SER D 99 11.94 -9.85 -5.72
CA SER D 99 10.91 -8.81 -5.69
C SER D 99 10.59 -8.31 -4.28
N ASN D 100 10.93 -9.12 -3.27
CA ASN D 100 10.68 -8.69 -1.90
C ASN D 100 11.79 -7.77 -1.39
N ILE D 101 12.74 -7.44 -2.26
CA ILE D 101 13.78 -6.51 -1.88
C ILE D 101 13.15 -5.14 -2.17
N TRP D 102 13.14 -4.24 -1.19
CA TRP D 102 12.55 -2.93 -1.40
C TRP D 102 13.33 -2.22 -2.49
N GLY D 103 12.63 -1.68 -3.49
CA GLY D 103 13.31 -0.98 -4.55
C GLY D 103 13.44 -1.82 -5.83
N ALA D 104 13.25 -3.12 -5.71
CA ALA D 104 13.32 -3.98 -6.89
C ALA D 104 11.91 -4.50 -7.20
N GLY D 105 11.48 -4.28 -8.44
CA GLY D 105 10.16 -4.73 -8.85
C GLY D 105 10.27 -5.90 -9.80
N THR D 106 9.20 -6.18 -10.54
CA THR D 106 9.20 -7.30 -11.48
C THR D 106 10.26 -7.17 -12.58
N LYS D 107 10.54 -5.96 -13.06
CA LYS D 107 11.53 -5.78 -14.11
C LYS D 107 12.95 -6.10 -13.62
N THR D 108 13.28 -5.68 -12.41
CA THR D 108 14.61 -5.94 -11.87
C THR D 108 14.74 -7.43 -11.51
N ALA D 109 13.68 -8.01 -10.96
CA ALA D 109 13.70 -9.42 -10.60
C ALA D 109 13.91 -10.30 -11.85
N GLN D 110 13.16 -10.04 -12.91
CA GLN D 110 13.29 -10.81 -14.15
C GLN D 110 14.71 -10.71 -14.73
N MET D 111 15.27 -9.49 -14.70
CA MET D 111 16.61 -9.24 -15.23
C MET D 111 17.67 -10.02 -14.45
N TRP D 112 17.61 -9.92 -13.13
CA TRP D 112 18.56 -10.62 -12.27
C TRP D 112 18.49 -12.12 -12.54
N TYR D 113 17.27 -12.62 -12.70
CA TYR D 113 17.08 -14.04 -12.94
C TYR D 113 17.66 -14.42 -14.31
N GLN D 114 17.40 -13.58 -15.31
CA GLN D 114 17.90 -13.83 -16.64
C GLN D 114 19.44 -13.83 -16.58
N GLN D 115 20.01 -13.03 -15.69
CA GLN D 115 21.46 -12.96 -15.55
C GLN D 115 22.07 -14.12 -14.76
N GLY D 116 21.24 -15.09 -14.38
CA GLY D 116 21.75 -16.24 -13.65
C GLY D 116 21.72 -16.19 -12.13
N PHE D 117 21.20 -15.12 -11.55
CA PHE D 117 21.12 -14.99 -10.10
C PHE D 117 19.98 -15.85 -9.55
N ARG D 118 20.21 -16.49 -8.40
CA ARG D 118 19.17 -17.36 -7.83
C ARG D 118 18.95 -17.20 -6.32
N SER D 119 19.77 -16.37 -5.67
CA SER D 119 19.65 -16.20 -4.23
C SER D 119 20.12 -14.82 -3.80
N LEU D 120 19.76 -14.44 -2.58
CA LEU D 120 20.16 -13.14 -2.08
C LEU D 120 21.68 -13.08 -2.04
N GLU D 121 22.29 -14.22 -1.75
CA GLU D 121 23.74 -14.34 -1.71
C GLU D 121 24.29 -13.85 -3.05
N ASP D 122 23.73 -14.38 -4.15
CA ASP D 122 24.13 -13.99 -5.51
C ASP D 122 23.94 -12.48 -5.72
N ILE D 123 22.81 -11.96 -5.26
CA ILE D 123 22.49 -10.55 -5.41
C ILE D 123 23.49 -9.69 -4.64
N ARG D 124 23.77 -10.09 -3.40
CA ARG D 124 24.71 -9.37 -2.55
C ARG D 124 26.10 -9.26 -3.16
N SER D 125 26.62 -10.37 -3.65
CA SER D 125 27.96 -10.40 -4.21
C SER D 125 28.14 -10.11 -5.70
N GLN D 126 27.09 -10.15 -6.50
CA GLN D 126 27.27 -9.92 -7.93
C GLN D 126 26.32 -8.95 -8.61
N ALA D 127 25.20 -8.64 -7.97
CA ALA D 127 24.24 -7.74 -8.59
C ALA D 127 24.64 -6.27 -8.44
N SER D 128 24.20 -5.47 -9.39
CA SER D 128 24.46 -4.04 -9.33
C SER D 128 23.23 -3.50 -8.62
N LEU D 129 23.41 -2.96 -7.42
CA LEU D 129 22.28 -2.46 -6.64
C LEU D 129 22.16 -0.94 -6.57
N THR D 130 20.93 -0.44 -6.60
CA THR D 130 20.69 0.99 -6.47
C THR D 130 20.80 1.26 -4.96
N THR D 131 20.93 2.52 -4.58
CA THR D 131 21.03 2.86 -3.18
C THR D 131 19.83 2.32 -2.38
N GLN D 132 18.65 2.39 -2.96
CA GLN D 132 17.45 1.92 -2.29
C GLN D 132 17.47 0.40 -2.12
N GLN D 133 17.86 -0.32 -3.16
CA GLN D 133 17.91 -1.78 -3.12
C GLN D 133 18.92 -2.27 -2.11
N ALA D 134 20.07 -1.61 -2.04
CA ALA D 134 21.11 -2.00 -1.08
C ALA D 134 20.53 -1.82 0.33
N ILE D 135 19.71 -0.78 0.53
CA ILE D 135 19.10 -0.55 1.83
C ILE D 135 18.04 -1.64 2.04
N GLY D 136 17.29 -1.95 0.98
CA GLY D 136 16.27 -2.99 1.09
C GLY D 136 16.87 -4.35 1.44
N LEU D 137 17.98 -4.69 0.81
CA LEU D 137 18.61 -5.98 1.05
C LEU D 137 19.15 -6.06 2.48
N LYS D 138 19.75 -4.96 2.93
CA LYS D 138 20.33 -4.86 4.26
C LYS D 138 19.32 -5.12 5.38
N HIS D 139 18.05 -4.84 5.11
CA HIS D 139 16.98 -5.06 6.08
C HIS D 139 15.94 -6.02 5.53
N TYR D 140 16.38 -6.93 4.66
CA TYR D 140 15.47 -7.89 4.03
C TYR D 140 14.48 -8.54 4.99
N SER D 141 14.98 -9.14 6.08
CA SER D 141 14.06 -9.78 7.02
C SER D 141 13.18 -8.76 7.76
N ASP D 142 13.77 -7.65 8.18
CA ASP D 142 12.99 -6.65 8.89
C ASP D 142 11.85 -6.09 8.05
N PHE D 143 12.09 -5.89 6.76
CA PHE D 143 11.03 -5.33 5.91
C PHE D 143 9.88 -6.30 5.64
N LEU D 144 10.06 -7.56 6.03
CA LEU D 144 9.01 -8.57 5.84
C LEU D 144 8.21 -8.80 7.13
N GLU D 145 8.69 -8.25 8.22
CA GLU D 145 8.01 -8.41 9.49
C GLU D 145 7.07 -7.26 9.81
N ARG D 146 5.99 -7.56 10.52
CA ARG D 146 5.04 -6.54 10.94
C ARG D 146 5.39 -6.26 12.39
N MET D 147 4.91 -5.14 12.91
CA MET D 147 5.17 -4.75 14.28
C MET D 147 3.85 -4.64 15.04
N PRO D 148 3.89 -4.86 16.37
CA PRO D 148 2.66 -4.76 17.16
C PRO D 148 2.22 -3.30 17.07
N ARG D 149 0.92 -3.04 17.02
CA ARG D 149 0.48 -1.66 16.90
C ARG D 149 0.99 -0.75 17.98
N GLU D 150 1.27 -1.32 19.15
CA GLU D 150 1.79 -0.56 20.27
C GLU D 150 3.13 0.09 19.92
N GLU D 151 3.94 -0.60 19.12
CA GLU D 151 5.24 -0.06 18.72
C GLU D 151 5.01 1.05 17.70
N ALA D 152 4.01 0.87 16.84
CA ALA D 152 3.69 1.89 15.85
C ALA D 152 3.35 3.18 16.62
N THR D 153 2.63 3.02 17.72
CA THR D 153 2.27 4.16 18.55
C THR D 153 3.54 4.87 19.00
N GLU D 154 4.53 4.11 19.47
CA GLU D 154 5.78 4.71 19.93
C GLU D 154 6.49 5.50 18.84
N ILE D 155 6.43 4.98 17.62
CA ILE D 155 7.07 5.61 16.48
C ILE D 155 6.35 6.89 16.08
N GLU D 156 5.02 6.86 16.09
CA GLU D 156 4.24 8.03 15.74
C GLU D 156 4.53 9.11 16.79
N GLN D 157 4.45 8.71 18.05
CA GLN D 157 4.71 9.62 19.15
C GLN D 157 6.08 10.24 19.02
N THR D 158 7.06 9.44 18.63
CA THR D 158 8.42 9.93 18.46
C THR D 158 8.47 11.05 17.42
N VAL D 159 7.83 10.80 16.28
CA VAL D 159 7.81 11.79 15.20
C VAL D 159 7.05 13.04 15.62
N GLN D 160 5.87 12.84 16.19
CA GLN D 160 5.02 13.94 16.63
C GLN D 160 5.73 14.83 17.64
N LYS D 161 6.47 14.21 18.55
CA LYS D 161 7.19 14.93 19.58
C LYS D 161 8.26 15.81 18.94
N ALA D 162 9.02 15.26 18.01
CA ALA D 162 10.07 16.01 17.33
C ALA D 162 9.49 17.11 16.44
N ALA D 163 8.27 16.89 15.95
CA ALA D 163 7.61 17.86 15.09
C ALA D 163 7.03 19.02 15.90
N GLN D 164 6.26 18.69 16.94
CA GLN D 164 5.65 19.71 17.79
C GLN D 164 6.74 20.42 18.60
N ALA D 165 7.90 19.79 18.72
CA ALA D 165 9.02 20.41 19.44
C ALA D 165 9.32 21.78 18.80
N PHE D 166 9.28 21.88 17.48
CA PHE D 166 9.55 23.17 16.87
C PHE D 166 8.32 23.97 16.38
N ASN D 167 7.14 23.37 16.51
CA ASN D 167 5.86 24.03 16.17
C ASN D 167 4.71 23.20 16.73
N SER D 168 4.23 23.53 17.94
CA SER D 168 3.14 22.81 18.63
C SER D 168 1.80 22.82 17.92
N GLY D 169 1.71 23.64 16.88
CA GLY D 169 0.48 23.71 16.12
C GLY D 169 0.33 22.48 15.25
N LEU D 170 1.46 21.92 14.80
CA LEU D 170 1.50 20.75 13.93
C LEU D 170 0.62 19.58 14.34
N LEU D 171 -0.20 19.15 13.41
CA LEU D 171 -1.10 18.03 13.64
C LEU D 171 -0.42 16.79 13.05
N CYS D 172 -0.26 15.76 13.88
CA CYS D 172 0.38 14.52 13.46
C CYS D 172 -0.54 13.32 13.69
N VAL D 173 -0.76 12.53 12.64
CA VAL D 173 -1.61 11.36 12.76
C VAL D 173 -1.05 10.10 12.07
N ALA D 174 -1.11 8.97 12.77
CA ALA D 174 -0.65 7.71 12.22
C ALA D 174 -1.82 7.17 11.42
N CYS D 175 -1.58 6.78 10.17
CA CYS D 175 -2.65 6.30 9.32
C CYS D 175 -2.48 4.83 8.97
N GLY D 176 -2.79 4.48 7.73
CA GLY D 176 -2.66 3.10 7.28
C GLY D 176 -3.34 2.09 8.19
N SER D 177 -2.81 0.87 8.20
CA SER D 177 -3.37 -0.20 9.01
C SER D 177 -3.56 0.20 10.47
N TYR D 178 -2.70 1.07 10.97
CA TYR D 178 -2.81 1.54 12.36
C TYR D 178 -4.17 2.19 12.60
N ARG D 179 -4.51 3.17 11.78
CA ARG D 179 -5.78 3.87 11.92
C ARG D 179 -6.96 2.95 11.62
N ARG D 180 -6.76 1.94 10.77
CA ARG D 180 -7.84 1.02 10.46
C ARG D 180 -8.03 0.04 11.62
N GLY D 181 -7.25 0.23 12.68
CA GLY D 181 -7.36 -0.59 13.88
C GLY D 181 -6.75 -1.98 13.88
N LYS D 182 -5.78 -2.24 13.01
CA LYS D 182 -5.16 -3.54 12.96
C LYS D 182 -4.26 -3.79 14.17
N ALA D 183 -4.10 -5.06 14.53
CA ALA D 183 -3.27 -5.43 15.67
C ALA D 183 -1.79 -5.23 15.37
N THR D 184 -1.41 -5.49 14.12
CA THR D 184 -0.01 -5.31 13.72
C THR D 184 0.03 -4.42 12.49
N CYS D 185 1.17 -3.75 12.29
CA CYS D 185 1.34 -2.83 11.17
C CYS D 185 2.62 -3.12 10.38
N GLY D 186 2.52 -3.05 9.04
CA GLY D 186 3.66 -3.29 8.19
C GLY D 186 4.70 -2.20 8.31
N ASP D 187 4.23 -0.97 8.51
CA ASP D 187 5.10 0.19 8.65
C ASP D 187 4.28 1.23 9.43
N VAL D 188 4.83 2.42 9.57
CA VAL D 188 4.11 3.48 10.25
C VAL D 188 3.92 4.62 9.25
N ASP D 189 2.66 5.02 9.05
CA ASP D 189 2.34 6.11 8.12
C ASP D 189 1.96 7.35 8.92
N VAL D 190 2.84 8.34 8.95
CA VAL D 190 2.56 9.56 9.68
C VAL D 190 2.21 10.72 8.77
N LEU D 191 1.00 11.25 8.95
CA LEU D 191 0.52 12.40 8.18
C LEU D 191 0.71 13.66 9.03
N ILE D 192 1.28 14.69 8.44
CA ILE D 192 1.51 15.93 9.17
C ILE D 192 0.96 17.13 8.39
N THR D 193 0.21 17.97 9.09
CA THR D 193 -0.36 19.17 8.47
C THR D 193 -0.51 20.21 9.57
N HIS D 194 -0.86 21.43 9.20
CA HIS D 194 -1.06 22.49 10.19
C HIS D 194 -2.36 23.24 9.91
N PRO D 195 -3.20 23.40 10.94
CA PRO D 195 -4.49 24.08 10.89
C PRO D 195 -4.52 25.51 10.33
N ASP D 196 -3.38 26.20 10.33
CA ASP D 196 -3.37 27.57 9.82
C ASP D 196 -3.35 27.60 8.29
N GLY D 197 -2.69 26.61 7.68
CA GLY D 197 -2.64 26.55 6.23
C GLY D 197 -1.33 26.95 5.56
N ARG D 198 -0.28 27.21 6.34
CA ARG D 198 1.00 27.61 5.75
C ARG D 198 2.22 27.20 6.56
N SER D 199 2.07 27.07 7.87
CA SER D 199 3.19 26.71 8.74
C SER D 199 3.80 25.34 8.50
N HIS D 200 3.19 24.57 7.60
CA HIS D 200 3.69 23.23 7.28
C HIS D 200 4.76 23.26 6.20
N ARG D 201 5.00 24.44 5.63
CA ARG D 201 5.99 24.59 4.56
C ARG D 201 7.44 24.45 5.00
N GLY D 202 8.20 23.68 4.23
CA GLY D 202 9.61 23.47 4.52
C GLY D 202 9.97 23.02 5.92
N ILE D 203 9.16 22.14 6.49
CA ILE D 203 9.42 21.62 7.84
C ILE D 203 10.25 20.34 7.79
N PHE D 204 10.17 19.62 6.67
CA PHE D 204 10.92 18.37 6.52
C PHE D 204 12.35 18.55 6.98
N SER D 205 13.00 19.61 6.49
CA SER D 205 14.38 19.89 6.85
C SER D 205 14.58 19.78 8.35
N ARG D 206 13.73 20.48 9.10
CA ARG D 206 13.82 20.49 10.56
C ARG D 206 13.46 19.16 11.22
N LEU D 207 12.36 18.57 10.80
CA LEU D 207 11.91 17.30 11.37
C LEU D 207 12.92 16.17 11.15
N LEU D 208 13.28 15.95 9.89
CA LEU D 208 14.22 14.89 9.57
C LEU D 208 15.53 15.06 10.31
N ASP D 209 16.00 16.30 10.44
CA ASP D 209 17.25 16.54 11.14
C ASP D 209 17.08 16.24 12.62
N SER D 210 15.95 16.65 13.18
CA SER D 210 15.69 16.40 14.59
C SER D 210 15.71 14.90 14.84
N LEU D 211 15.11 14.13 13.93
CA LEU D 211 15.05 12.69 14.07
C LEU D 211 16.40 12.03 13.82
N ARG D 212 17.19 12.59 12.91
CA ARG D 212 18.51 12.05 12.62
C ARG D 212 19.43 12.36 13.78
N GLN D 213 19.22 13.53 14.37
CA GLN D 213 19.98 14.00 15.51
C GLN D 213 19.94 12.98 16.63
N GLU D 214 18.73 12.55 16.98
CA GLU D 214 18.57 11.57 18.05
C GLU D 214 18.83 10.14 17.56
N GLY D 215 19.41 10.03 16.37
CA GLY D 215 19.70 8.73 15.81
C GLY D 215 18.49 7.81 15.65
N PHE D 216 17.32 8.41 15.46
CA PHE D 216 16.11 7.62 15.29
C PHE D 216 16.01 7.06 13.87
N LEU D 217 16.41 7.87 12.89
CA LEU D 217 16.37 7.45 11.49
C LEU D 217 17.68 6.73 11.19
N THR D 218 17.57 5.55 10.58
CA THR D 218 18.76 4.76 10.26
C THR D 218 19.11 4.78 8.77
N ASP D 219 18.10 4.91 7.91
CA ASP D 219 18.31 4.94 6.47
C ASP D 219 17.20 5.71 5.77
N ASP D 220 17.53 6.37 4.67
CA ASP D 220 16.55 7.11 3.90
C ASP D 220 16.35 6.35 2.57
N LEU D 221 15.11 6.13 2.18
CA LEU D 221 14.83 5.43 0.94
C LEU D 221 14.39 6.44 -0.12
N VAL D 222 13.50 7.35 0.27
CA VAL D 222 12.99 8.38 -0.63
C VAL D 222 12.90 9.69 0.14
N SER D 223 13.78 10.63 -0.18
CA SER D 223 13.80 11.92 0.51
C SER D 223 14.43 13.01 -0.35
N GLN D 224 13.60 13.69 -1.12
CA GLN D 224 14.08 14.77 -1.99
C GLN D 224 14.17 16.01 -1.10
N GLU D 225 15.32 16.17 -0.46
CA GLU D 225 15.53 17.30 0.45
C GLU D 225 16.22 18.51 -0.17
N GLU D 226 16.93 18.33 -1.28
CA GLU D 226 17.59 19.47 -1.91
C GLU D 226 16.54 20.39 -2.52
N ASN D 227 15.28 19.95 -2.46
CA ASN D 227 14.16 20.72 -2.99
C ASN D 227 13.18 21.03 -1.84
N GLY D 228 12.87 22.30 -1.67
CA GLY D 228 11.96 22.70 -0.59
C GLY D 228 10.52 22.29 -0.75
N GLN D 229 10.18 21.68 -1.88
CA GLN D 229 8.81 21.26 -2.14
C GLN D 229 8.53 19.79 -1.78
N GLN D 230 9.39 19.20 -0.95
CA GLN D 230 9.20 17.79 -0.55
C GLN D 230 7.84 17.52 0.07
N GLN D 231 7.16 16.50 -0.45
CA GLN D 231 5.85 16.13 0.04
C GLN D 231 5.91 14.86 0.90
N LYS D 232 6.87 13.98 0.60
CA LYS D 232 6.95 12.74 1.34
C LYS D 232 8.33 12.27 1.71
N TYR D 233 8.38 11.41 2.72
CA TYR D 233 9.61 10.81 3.19
C TYR D 233 9.37 9.32 3.49
N LEU D 234 10.24 8.48 2.97
CA LEU D 234 10.14 7.05 3.21
C LEU D 234 11.51 6.65 3.73
N GLY D 235 11.54 6.05 4.90
CA GLY D 235 12.82 5.65 5.47
C GLY D 235 12.73 4.52 6.46
N VAL D 236 13.81 4.35 7.20
CA VAL D 236 13.94 3.30 8.19
C VAL D 236 14.29 3.93 9.52
N CYS D 237 13.60 3.51 10.57
CA CYS D 237 13.86 4.02 11.91
C CYS D 237 14.00 2.85 12.87
N ARG D 238 14.46 3.13 14.08
CA ARG D 238 14.60 2.10 15.10
C ARG D 238 14.56 2.71 16.49
N LEU D 239 13.55 2.31 17.27
CA LEU D 239 13.40 2.79 18.63
C LEU D 239 14.65 2.39 19.41
N PRO D 240 14.96 3.10 20.50
CA PRO D 240 16.14 2.79 21.32
C PRO D 240 15.92 1.60 22.25
N GLY D 241 17.01 1.05 22.77
CA GLY D 241 16.90 -0.07 23.67
C GLY D 241 17.16 -1.40 23.00
N PRO D 242 17.23 -2.49 23.79
CA PRO D 242 17.47 -3.84 23.26
C PRO D 242 16.22 -4.46 22.64
N GLY D 243 16.42 -5.48 21.81
CA GLY D 243 15.31 -6.16 21.17
C GLY D 243 14.52 -5.37 20.14
N ARG D 244 15.10 -4.27 19.66
CA ARG D 244 14.44 -3.43 18.66
C ARG D 244 14.84 -3.74 17.22
N ARG D 245 13.84 -3.76 16.34
CA ARG D 245 14.08 -4.02 14.93
C ARG D 245 13.92 -2.75 14.10
N HIS D 246 14.55 -2.72 12.94
CA HIS D 246 14.42 -1.58 12.03
C HIS D 246 13.01 -1.64 11.47
N ARG D 247 12.32 -0.49 11.45
CA ARG D 247 10.95 -0.41 10.94
C ARG D 247 10.82 0.62 9.82
N ARG D 248 9.92 0.36 8.88
CA ARG D 248 9.70 1.28 7.78
C ARG D 248 8.83 2.45 8.25
N LEU D 249 9.28 3.66 7.93
CA LEU D 249 8.56 4.87 8.32
C LEU D 249 8.26 5.72 7.10
N ASP D 250 6.98 6.06 6.92
CA ASP D 250 6.57 6.88 5.80
C ASP D 250 5.85 8.13 6.33
N ILE D 251 6.39 9.29 6.00
CA ILE D 251 5.83 10.56 6.45
C ILE D 251 5.44 11.45 5.28
N ILE D 252 4.25 12.03 5.35
CA ILE D 252 3.81 12.95 4.32
C ILE D 252 3.42 14.25 5.01
N VAL D 253 3.75 15.37 4.38
CA VAL D 253 3.41 16.68 4.92
C VAL D 253 2.47 17.31 3.90
N VAL D 254 1.28 17.69 4.33
CA VAL D 254 0.30 18.27 3.42
C VAL D 254 -0.30 19.60 3.85
N PRO D 255 -0.76 20.40 2.88
CA PRO D 255 -1.37 21.70 3.18
C PRO D 255 -2.73 21.39 3.82
N TYR D 256 -3.11 22.16 4.83
CA TYR D 256 -4.35 21.90 5.55
C TYR D 256 -5.58 21.72 4.67
N SER D 257 -5.63 22.40 3.53
CA SER D 257 -6.78 22.30 2.63
C SER D 257 -6.94 20.92 2.00
N GLU D 258 -5.87 20.13 2.00
CA GLU D 258 -5.91 18.80 1.41
C GLU D 258 -5.97 17.73 2.49
N PHE D 259 -6.07 18.16 3.74
CA PHE D 259 -6.09 17.25 4.88
C PHE D 259 -7.03 16.06 4.78
N ALA D 260 -8.30 16.29 4.53
CA ALA D 260 -9.26 15.20 4.43
C ALA D 260 -8.84 14.16 3.40
N CYS D 261 -8.64 14.61 2.16
CA CYS D 261 -8.23 13.73 1.08
C CYS D 261 -6.92 12.99 1.39
N ALA D 262 -6.00 13.68 2.04
CA ALA D 262 -4.73 13.10 2.42
C ALA D 262 -4.93 11.98 3.44
N LEU D 263 -5.78 12.26 4.44
CA LEU D 263 -6.10 11.30 5.49
C LEU D 263 -6.78 10.06 4.94
N LEU D 264 -7.75 10.28 4.05
CA LEU D 264 -8.48 9.18 3.42
C LEU D 264 -7.48 8.31 2.65
N TYR D 265 -6.65 8.95 1.84
CA TYR D 265 -5.64 8.25 1.06
C TYR D 265 -4.72 7.42 1.96
N PHE D 266 -4.04 8.11 2.87
CA PHE D 266 -3.09 7.47 3.76
C PHE D 266 -3.66 6.39 4.67
N THR D 267 -4.96 6.46 4.93
CA THR D 267 -5.61 5.47 5.78
C THR D 267 -5.88 4.17 5.02
N GLY D 268 -6.15 4.29 3.72
CA GLY D 268 -6.40 3.12 2.90
C GLY D 268 -7.70 2.39 3.22
N SER D 269 -7.76 1.09 2.94
CA SER D 269 -6.64 0.33 2.37
C SER D 269 -6.36 0.75 0.92
N ALA D 270 -5.33 0.15 0.32
CA ALA D 270 -4.97 0.44 -1.06
C ALA D 270 -6.12 0.08 -1.99
N HIS D 271 -6.64 -1.14 -1.83
CA HIS D 271 -7.73 -1.59 -2.68
C HIS D 271 -8.97 -0.74 -2.43
N PHE D 272 -9.10 -0.24 -1.20
CA PHE D 272 -10.23 0.61 -0.89
C PHE D 272 -10.11 1.92 -1.67
N ASN D 273 -8.92 2.52 -1.63
CA ASN D 273 -8.67 3.78 -2.35
C ASN D 273 -8.97 3.59 -3.83
N ARG D 274 -8.46 2.51 -4.40
CA ARG D 274 -8.66 2.23 -5.83
C ARG D 274 -10.13 2.13 -6.21
N SER D 275 -10.91 1.42 -5.39
CA SER D 275 -12.33 1.23 -5.65
C SER D 275 -13.04 2.58 -5.60
N MET D 276 -12.73 3.36 -4.56
CA MET D 276 -13.32 4.67 -4.40
C MET D 276 -12.97 5.60 -5.56
N ARG D 277 -11.71 5.53 -6.01
CA ARG D 277 -11.30 6.39 -7.11
C ARG D 277 -11.95 5.95 -8.42
N ALA D 278 -12.09 4.64 -8.61
CA ALA D 278 -12.73 4.10 -9.80
C ALA D 278 -14.19 4.55 -9.82
N LEU D 279 -14.77 4.65 -8.62
CA LEU D 279 -16.16 5.08 -8.47
C LEU D 279 -16.27 6.55 -8.86
N ALA D 280 -15.36 7.36 -8.35
CA ALA D 280 -15.37 8.78 -8.67
C ALA D 280 -15.31 8.97 -10.18
N LYS D 281 -14.45 8.19 -10.85
CA LYS D 281 -14.32 8.31 -12.30
C LYS D 281 -15.64 8.05 -13.03
N THR D 282 -16.42 7.08 -12.57
CA THR D 282 -17.70 6.76 -13.22
C THR D 282 -18.66 7.96 -13.14
N LYS D 283 -18.47 8.79 -12.11
CA LYS D 283 -19.32 9.96 -11.90
C LYS D 283 -18.73 11.24 -12.48
N GLY D 284 -17.75 11.10 -13.37
CA GLY D 284 -17.13 12.27 -13.97
C GLY D 284 -16.36 13.12 -12.99
N MET D 285 -15.90 12.51 -11.91
CA MET D 285 -15.13 13.19 -10.87
C MET D 285 -13.75 12.57 -10.78
N SER D 286 -12.95 12.97 -9.80
CA SER D 286 -11.62 12.39 -9.63
C SER D 286 -11.17 12.59 -8.20
N LEU D 287 -10.62 11.54 -7.62
CA LEU D 287 -10.12 11.58 -6.26
C LEU D 287 -8.64 11.22 -6.20
N SER D 288 -7.89 12.02 -5.46
CA SER D 288 -6.46 11.80 -5.28
C SER D 288 -6.15 12.18 -3.85
N GLU D 289 -4.90 11.96 -3.44
CA GLU D 289 -4.50 12.31 -2.08
C GLU D 289 -4.54 13.83 -1.90
N HIS D 290 -4.65 14.55 -3.01
CA HIS D 290 -4.69 16.01 -3.00
C HIS D 290 -6.11 16.58 -2.96
N ALA D 291 -7.03 15.98 -3.70
CA ALA D 291 -8.38 16.52 -3.72
C ALA D 291 -9.40 15.67 -4.44
N LEU D 292 -10.66 16.06 -4.27
CA LEU D 292 -11.79 15.41 -4.94
C LEU D 292 -12.32 16.46 -5.92
N SER D 293 -12.25 16.17 -7.21
CA SER D 293 -12.70 17.11 -8.22
C SER D 293 -13.96 16.68 -8.97
N THR D 294 -14.71 17.66 -9.46
CA THR D 294 -15.91 17.38 -10.22
C THR D 294 -15.77 18.01 -11.60
N ALA D 295 -16.63 17.61 -12.53
CA ALA D 295 -16.60 18.14 -13.88
C ALA D 295 -15.25 17.91 -14.56
N VAL D 296 -14.62 16.79 -14.24
CA VAL D 296 -13.34 16.44 -14.84
C VAL D 296 -13.55 16.02 -16.29
N VAL D 297 -12.67 16.47 -17.19
CA VAL D 297 -12.77 16.13 -18.61
C VAL D 297 -11.80 15.01 -18.97
N ARG D 298 -12.34 13.89 -19.43
CA ARG D 298 -11.52 12.74 -19.81
C ARG D 298 -11.67 12.36 -21.28
N ASN D 299 -10.62 11.77 -21.84
CA ASN D 299 -10.65 11.35 -23.24
C ASN D 299 -11.24 9.94 -23.39
N THR D 300 -11.19 9.42 -24.60
CA THR D 300 -11.73 8.09 -24.91
C THR D 300 -11.14 6.98 -24.03
N HIS D 301 -9.87 7.11 -23.69
CA HIS D 301 -9.20 6.10 -22.86
C HIS D 301 -9.29 6.42 -21.38
N GLY D 302 -10.21 7.32 -21.03
CA GLY D 302 -10.43 7.71 -19.65
C GLY D 302 -9.31 8.48 -18.98
N CYS D 303 -8.41 9.04 -19.78
CA CYS D 303 -7.30 9.81 -19.23
C CYS D 303 -7.76 11.23 -18.91
N LYS D 304 -7.29 11.75 -17.79
CA LYS D 304 -7.64 13.09 -17.34
C LYS D 304 -7.07 14.15 -18.29
N VAL D 305 -7.93 14.77 -19.09
CA VAL D 305 -7.51 15.80 -20.03
C VAL D 305 -8.15 17.16 -19.70
N GLY D 306 -8.84 17.22 -18.56
CA GLY D 306 -9.48 18.44 -18.11
C GLY D 306 -9.54 18.38 -16.59
N PRO D 307 -8.90 19.33 -15.89
CA PRO D 307 -8.86 19.39 -14.42
C PRO D 307 -10.20 19.51 -13.69
N GLY D 308 -11.17 20.19 -14.29
CA GLY D 308 -12.45 20.36 -13.63
C GLY D 308 -12.20 21.24 -12.42
N ARG D 309 -13.01 21.11 -11.38
CA ARG D 309 -12.81 21.92 -10.20
C ARG D 309 -12.81 21.15 -8.89
N VAL D 310 -11.94 21.58 -7.99
CA VAL D 310 -11.81 20.96 -6.68
C VAL D 310 -13.05 21.25 -5.84
N LEU D 311 -13.55 20.25 -5.14
CA LEU D 311 -14.72 20.42 -4.29
C LEU D 311 -14.24 20.62 -2.87
N PRO D 312 -15.00 21.38 -2.07
CA PRO D 312 -14.63 21.62 -0.68
C PRO D 312 -14.76 20.32 0.12
N THR D 313 -13.64 19.80 0.63
CA THR D 313 -13.71 18.58 1.41
C THR D 313 -12.99 18.76 2.74
N PRO D 314 -13.66 19.40 3.71
CA PRO D 314 -13.13 19.68 5.05
C PRO D 314 -12.91 18.41 5.88
N THR D 315 -13.71 17.39 5.64
CA THR D 315 -13.59 16.14 6.37
C THR D 315 -13.84 14.95 5.47
N GLU D 316 -13.37 13.80 5.91
CA GLU D 316 -13.55 12.57 5.16
C GLU D 316 -15.02 12.37 4.82
N LYS D 317 -15.90 12.68 5.77
CA LYS D 317 -17.32 12.51 5.54
C LYS D 317 -17.79 13.26 4.30
N ASP D 318 -17.22 14.43 4.06
CA ASP D 318 -17.58 15.21 2.89
C ASP D 318 -17.26 14.46 1.60
N VAL D 319 -16.12 13.76 1.58
CA VAL D 319 -15.71 13.01 0.40
C VAL D 319 -16.73 11.93 0.08
N PHE D 320 -17.08 11.14 1.10
CA PHE D 320 -18.07 10.08 0.93
C PHE D 320 -19.39 10.68 0.47
N ARG D 321 -19.81 11.74 1.15
CA ARG D 321 -21.06 12.43 0.83
C ARG D 321 -21.10 12.88 -0.62
N LEU D 322 -20.06 13.61 -1.03
CA LEU D 322 -19.97 14.12 -2.39
C LEU D 322 -19.99 13.02 -3.44
N LEU D 323 -19.59 11.82 -3.04
CA LEU D 323 -19.57 10.68 -3.96
C LEU D 323 -20.84 9.85 -3.83
N GLY D 324 -21.76 10.30 -2.98
CA GLY D 324 -23.01 9.59 -2.78
C GLY D 324 -22.82 8.26 -2.09
N LEU D 325 -21.94 8.24 -1.08
CA LEU D 325 -21.65 7.02 -0.34
C LEU D 325 -21.83 7.22 1.15
N PRO D 326 -22.28 6.18 1.86
CA PRO D 326 -22.45 6.33 3.30
C PRO D 326 -21.06 6.26 3.92
N TYR D 327 -20.82 7.10 4.91
CA TYR D 327 -19.51 7.15 5.57
C TYR D 327 -19.06 5.79 6.09
N ARG D 328 -17.73 5.64 6.23
CA ARG D 328 -17.14 4.40 6.72
C ARG D 328 -16.03 4.72 7.70
N GLU D 329 -16.03 4.03 8.84
CA GLU D 329 -14.98 4.23 9.82
C GLU D 329 -13.74 3.56 9.24
N PRO D 330 -12.54 4.04 9.62
CA PRO D 330 -11.31 3.43 9.12
C PRO D 330 -11.35 1.92 9.13
N ALA D 331 -11.76 1.35 10.27
CA ALA D 331 -11.83 -0.10 10.44
C ALA D 331 -12.65 -0.81 9.39
N GLU D 332 -13.57 -0.10 8.74
CA GLU D 332 -14.39 -0.72 7.71
C GLU D 332 -13.89 -0.45 6.30
N ARG D 333 -12.60 -0.16 6.18
CA ARG D 333 -12.01 0.14 4.87
C ARG D 333 -10.95 -0.85 4.37
N ASP D 334 -10.94 -2.08 4.86
CA ASP D 334 -9.95 -3.06 4.39
C ASP D 334 -10.22 -3.44 2.92
N TRP D 335 -11.36 -3.00 2.42
CA TRP D 335 -11.77 -3.26 1.04
C TRP D 335 -13.12 -2.60 0.80
NA NA E . 1.10 1.10 6.29
NA NA F . 10.46 -4.78 -4.25
NA NA G . 17.48 12.53 -1.32
O11 PPV H . 0.32 -2.26 7.30
P1 PPV H . -0.29 -2.97 6.05
O21 PPV H . -1.07 -4.24 6.47
O31 PPV H . 0.84 -3.17 5.07
OPP PPV H . -1.34 -1.92 5.60
P2 PPV H . -1.21 -0.44 5.07
O12 PPV H . -1.04 0.38 6.26
O22 PPV H . -0.09 -0.43 4.09
O32 PPV H . -2.64 -0.38 4.44
#